data_4KY2
#
_entry.id   4KY2
#
_cell.length_a   42.793
_cell.length_b   85.646
_cell.length_c   63.562
_cell.angle_alpha   90.000
_cell.angle_beta   90.000
_cell.angle_gamma   90.000
#
_symmetry.space_group_name_H-M   'P 21 21 2'
#
loop_
_entity.id
_entity.type
_entity.pdbx_description
1 polymer Transthyretin
2 non-polymer 7-hydroxy-3-[(E)-2-(4-hydroxy-3,5-dimethylphenyl)ethenyl]-4-methyl-2H-chromen-2-one
3 water water
#
_entity_poly.entity_id   1
_entity_poly.type   'polypeptide(L)'
_entity_poly.pdbx_seq_one_letter_code
;GPTGTGESKCPLMVKVLDAVRGSPAINVAVHVFRKAADDTWEPFASGKTSESGELHGLTTEEEFVEGIYKVEIDTKSYWK
ALGISPFHEHAEVVFTANDSGPRRYTIAALLSPYSYSTTAVVTNPKE
;
_entity_poly.pdbx_strand_id   A,B
#
loop_
_chem_comp.id
_chem_comp.type
_chem_comp.name
_chem_comp.formula
1W3 non-polymer 7-hydroxy-3-[(E)-2-(4-hydroxy-3,5-dimethylphenyl)ethenyl]-4-methyl-2H-chromen-2-one 'C20 H18 O4'
#
# COMPACT_ATOMS: atom_id res chain seq x y z
N CYS A 10 -9.01 -21.54 -0.26
CA CYS A 10 -9.47 -20.37 -1.07
C CYS A 10 -9.70 -19.10 -0.25
N PRO A 11 -9.14 -19.03 0.97
CA PRO A 11 -9.52 -17.88 1.74
C PRO A 11 -8.77 -16.60 1.41
N LEU A 12 -7.72 -16.67 0.62
CA LEU A 12 -6.96 -15.48 0.24
C LEU A 12 -6.57 -15.60 -1.22
N MET A 13 -6.96 -14.63 -2.02
CA MET A 13 -6.60 -14.58 -3.43
CA MET A 13 -6.71 -14.56 -3.45
C MET A 13 -6.16 -13.18 -3.75
N VAL A 14 -5.18 -13.07 -4.65
CA VAL A 14 -4.67 -11.77 -5.09
C VAL A 14 -4.83 -11.70 -6.60
N LYS A 15 -5.35 -10.57 -7.06
CA LYS A 15 -5.59 -10.32 -8.49
C LYS A 15 -4.92 -9.00 -8.87
N VAL A 16 -4.14 -9.01 -9.93
CA VAL A 16 -3.37 -7.84 -10.31
C VAL A 16 -3.60 -7.56 -11.80
N LEU A 17 -3.89 -6.29 -12.10
CA LEU A 17 -4.17 -5.80 -13.45
C LEU A 17 -3.15 -4.71 -13.81
N ASP A 18 -2.87 -4.60 -15.10
CA ASP A 18 -1.94 -3.63 -15.67
C ASP A 18 -2.73 -2.58 -16.43
N ALA A 19 -2.69 -1.35 -15.94
CA ALA A 19 -3.43 -0.22 -16.49
C ALA A 19 -2.78 0.42 -17.73
N VAL A 20 -1.54 0.04 -18.04
CA VAL A 20 -0.85 0.52 -19.22
C VAL A 20 -1.21 -0.33 -20.42
N ARG A 21 -1.24 -1.65 -20.23
CA ARG A 21 -1.44 -2.69 -21.24
CA ARG A 21 -1.52 -2.49 -21.36
C ARG A 21 -2.92 -3.04 -21.41
N GLY A 22 -3.71 -2.84 -20.38
CA GLY A 22 -5.08 -3.35 -20.41
C GLY A 22 -5.14 -4.85 -20.37
N SER A 23 -4.42 -5.42 -19.41
CA SER A 23 -4.23 -6.86 -19.35
CA SER A 23 -4.20 -6.86 -19.36
C SER A 23 -4.07 -7.26 -17.91
N PRO A 24 -4.19 -8.56 -17.63
CA PRO A 24 -3.68 -9.05 -16.35
C PRO A 24 -2.20 -8.74 -16.19
N ALA A 25 -1.76 -8.56 -14.95
CA ALA A 25 -0.34 -8.39 -14.64
C ALA A 25 0.19 -9.77 -14.28
N ILE A 26 0.95 -10.33 -15.20
CA ILE A 26 1.40 -11.70 -15.05
CA ILE A 26 1.45 -11.69 -15.18
C ILE A 26 2.78 -11.77 -14.43
N ASN A 27 3.02 -12.84 -13.69
CA ASN A 27 4.34 -13.05 -13.08
CA ASN A 27 4.28 -13.09 -13.01
C ASN A 27 4.70 -12.00 -12.04
N VAL A 28 3.71 -11.48 -11.33
CA VAL A 28 3.96 -10.53 -10.26
C VAL A 28 4.20 -11.34 -8.97
N ALA A 29 5.34 -11.09 -8.34
CA ALA A 29 5.64 -11.73 -7.06
C ALA A 29 4.84 -11.07 -5.95
N VAL A 30 4.34 -11.89 -5.05
CA VAL A 30 3.54 -11.46 -3.94
C VAL A 30 4.03 -12.15 -2.68
N HIS A 31 4.31 -11.40 -1.63
CA HIS A 31 4.73 -11.93 -0.34
C HIS A 31 3.72 -11.51 0.71
N VAL A 32 3.25 -12.47 1.50
CA VAL A 32 2.31 -12.23 2.58
C VAL A 32 3.05 -12.42 3.90
N PHE A 33 2.83 -11.52 4.83
CA PHE A 33 3.39 -11.54 6.16
C PHE A 33 2.27 -11.46 7.16
N ARG A 34 2.54 -11.94 8.37
CA ARG A 34 1.58 -11.87 9.47
C ARG A 34 2.28 -11.32 10.68
N LYS A 35 1.66 -10.38 11.37
CA LYS A 35 2.28 -9.80 12.53
CA LYS A 35 2.25 -9.80 12.56
C LYS A 35 2.29 -10.80 13.69
N ALA A 36 3.47 -11.02 14.23
CA ALA A 36 3.69 -11.94 15.35
C ALA A 36 3.39 -11.25 16.66
N ALA A 37 3.35 -12.03 17.74
CA ALA A 37 3.09 -11.51 19.08
C ALA A 37 4.11 -10.49 19.55
N ASP A 38 5.33 -10.54 19.01
CA ASP A 38 6.39 -9.58 19.31
C ASP A 38 6.40 -8.37 18.37
N ASP A 39 5.36 -8.25 17.53
CA ASP A 39 5.16 -7.12 16.61
C ASP A 39 6.04 -7.13 15.35
N THR A 40 6.79 -8.21 15.10
CA THR A 40 7.54 -8.34 13.86
C THR A 40 6.64 -8.96 12.78
N TRP A 41 7.05 -8.78 11.54
CA TRP A 41 6.34 -9.31 10.38
C TRP A 41 6.92 -10.64 9.98
N GLU A 42 6.22 -11.69 10.28
CA GLU A 42 6.65 -13.05 10.01
CA GLU A 42 6.71 -13.01 9.99
C GLU A 42 6.24 -13.44 8.59
N PRO A 43 7.13 -14.04 7.81
CA PRO A 43 6.72 -14.54 6.50
C PRO A 43 5.63 -15.56 6.64
N PHE A 44 4.56 -15.42 5.85
CA PHE A 44 3.37 -16.26 5.93
C PHE A 44 3.14 -17.11 4.69
N ALA A 45 3.23 -16.52 3.51
CA ALA A 45 3.05 -17.25 2.26
C ALA A 45 3.60 -16.38 1.15
N SER A 46 3.90 -16.97 0.00
CA SER A 46 4.28 -16.17 -1.16
C SER A 46 3.94 -16.92 -2.43
N GLY A 47 3.95 -16.23 -3.55
CA GLY A 47 3.67 -16.85 -4.82
C GLY A 47 3.77 -15.81 -5.93
N LYS A 48 3.34 -16.18 -7.12
CA LYS A 48 3.43 -15.34 -8.34
CA LYS A 48 3.29 -15.17 -8.16
C LYS A 48 2.06 -15.34 -9.02
N THR A 49 1.66 -14.23 -9.62
CA THR A 49 0.43 -14.26 -10.39
C THR A 49 0.62 -15.08 -11.68
N SER A 50 -0.47 -15.72 -12.05
CA SER A 50 -0.58 -16.53 -13.25
C SER A 50 -0.79 -15.68 -14.49
N GLU A 51 -1.00 -16.36 -15.62
CA GLU A 51 -1.35 -15.78 -16.91
CA GLU A 51 -1.27 -15.64 -16.88
C GLU A 51 -2.62 -14.92 -16.82
N SER A 52 -3.48 -15.24 -15.86
CA SER A 52 -4.70 -14.43 -15.70
CA SER A 52 -4.74 -14.56 -15.61
C SER A 52 -4.58 -13.37 -14.64
N GLY A 53 -3.38 -13.13 -14.14
CA GLY A 53 -3.16 -12.12 -13.14
C GLY A 53 -3.59 -12.51 -11.73
N GLU A 54 -3.83 -13.80 -11.51
CA GLU A 54 -4.38 -14.27 -10.24
C GLU A 54 -3.40 -15.15 -9.52
N LEU A 55 -3.48 -15.10 -8.21
CA LEU A 55 -2.68 -15.92 -7.33
C LEU A 55 -3.59 -16.53 -6.32
N HIS A 56 -3.70 -17.85 -6.46
CA HIS A 56 -4.51 -18.76 -5.66
C HIS A 56 -3.55 -19.64 -4.79
N GLY A 57 -4.10 -20.30 -3.80
CA GLY A 57 -3.38 -21.34 -3.10
C GLY A 57 -2.34 -20.84 -2.13
N LEU A 58 -2.44 -19.59 -1.70
CA LEU A 58 -1.49 -19.05 -0.74
C LEU A 58 -1.60 -19.71 0.61
N THR A 59 -2.82 -20.00 1.04
CA THR A 59 -3.03 -20.52 2.39
C THR A 59 -4.25 -21.38 2.45
N THR A 60 -4.57 -21.83 3.65
CA THR A 60 -5.68 -22.75 3.91
C THR A 60 -6.53 -22.12 4.99
N GLU A 61 -7.79 -22.55 5.15
N GLU A 61 -7.75 -22.60 5.07
CA GLU A 61 -8.59 -22.01 6.27
CA GLU A 61 -8.64 -22.23 6.14
C GLU A 61 -8.02 -22.39 7.63
C GLU A 61 -7.97 -22.38 7.52
N GLU A 62 -7.36 -23.54 7.77
CA GLU A 62 -6.72 -23.82 9.05
C GLU A 62 -5.62 -22.87 9.35
N GLU A 63 -4.76 -22.57 8.36
CA GLU A 63 -3.55 -21.80 8.57
CA GLU A 63 -3.58 -21.80 8.70
C GLU A 63 -3.85 -20.32 8.72
N PHE A 64 -4.92 -19.86 8.05
CA PHE A 64 -5.23 -18.43 7.92
C PHE A 64 -6.06 -18.02 9.13
N VAL A 65 -5.41 -17.95 10.27
CA VAL A 65 -6.03 -17.60 11.52
C VAL A 65 -6.21 -16.08 11.60
N GLU A 66 -6.87 -15.64 12.64
CA GLU A 66 -6.94 -14.20 12.99
CA GLU A 66 -6.98 -14.21 12.88
C GLU A 66 -5.58 -13.61 12.99
N GLY A 67 -5.45 -12.38 12.55
CA GLY A 67 -4.20 -11.68 12.69
C GLY A 67 -4.21 -10.42 11.82
N ILE A 68 -3.11 -9.72 11.86
CA ILE A 68 -2.85 -8.59 10.98
C ILE A 68 -1.91 -9.09 9.90
N TYR A 69 -2.33 -8.96 8.67
CA TYR A 69 -1.63 -9.47 7.49
C TYR A 69 -1.20 -8.33 6.63
N LYS A 70 -0.06 -8.51 5.98
CA LYS A 70 0.46 -7.59 4.99
CA LYS A 70 0.51 -7.59 5.01
C LYS A 70 0.70 -8.34 3.71
N VAL A 71 0.04 -7.91 2.65
CA VAL A 71 0.22 -8.44 1.31
C VAL A 71 1.09 -7.45 0.55
N GLU A 72 2.32 -7.84 0.26
CA GLU A 72 3.26 -7.03 -0.47
CA GLU A 72 3.29 -7.04 -0.46
CA GLU A 72 3.29 -7.03 -0.47
C GLU A 72 3.31 -7.50 -1.91
N ILE A 73 2.93 -6.61 -2.82
CA ILE A 73 2.88 -6.89 -4.25
C ILE A 73 4.10 -6.23 -4.85
N ASP A 74 4.97 -7.03 -5.47
CA ASP A 74 6.27 -6.54 -5.89
C ASP A 74 6.20 -5.83 -7.28
N THR A 75 5.64 -4.65 -7.23
CA THR A 75 5.36 -3.86 -8.42
C THR A 75 6.65 -3.39 -9.09
N LYS A 76 7.67 -2.99 -8.32
CA LYS A 76 8.90 -2.52 -8.92
CA LYS A 76 8.88 -2.51 -8.96
C LYS A 76 9.53 -3.66 -9.73
N SER A 77 9.59 -4.85 -9.10
CA SER A 77 10.17 -6.03 -9.74
C SER A 77 9.37 -6.33 -11.03
N TYR A 78 8.05 -6.17 -11.02
CA TYR A 78 7.19 -6.40 -12.18
C TYR A 78 7.53 -5.43 -13.29
N TRP A 79 7.54 -4.12 -12.98
CA TRP A 79 7.79 -3.11 -13.99
C TRP A 79 9.29 -3.24 -14.52
N LYS A 80 10.24 -3.45 -13.62
CA LYS A 80 11.66 -3.61 -14.02
C LYS A 80 11.85 -4.82 -14.94
N ALA A 81 11.11 -5.92 -14.70
CA ALA A 81 11.20 -7.10 -15.55
C ALA A 81 10.66 -6.78 -16.95
N LEU A 82 9.81 -5.76 -17.06
CA LEU A 82 9.32 -5.24 -18.32
C LEU A 82 10.17 -4.11 -18.88
N GLY A 83 11.27 -3.80 -18.20
CA GLY A 83 12.25 -2.81 -18.70
C GLY A 83 11.80 -1.36 -18.47
N ILE A 84 10.88 -1.16 -17.52
CA ILE A 84 10.28 0.17 -17.12
C ILE A 84 10.78 0.56 -15.71
N SER A 85 11.12 1.84 -15.51
CA SER A 85 11.56 2.41 -14.21
C SER A 85 10.38 3.00 -13.42
N PRO A 86 9.80 2.28 -12.46
CA PRO A 86 8.58 2.80 -11.82
C PRO A 86 8.88 3.59 -10.55
N PHE A 87 7.85 4.17 -9.96
CA PHE A 87 8.04 4.98 -8.74
C PHE A 87 8.08 4.20 -7.45
N HIS A 88 7.13 3.30 -7.24
CA HIS A 88 7.00 2.64 -5.95
C HIS A 88 7.91 1.44 -5.87
N GLU A 89 8.30 1.07 -4.67
CA GLU A 89 9.02 -0.18 -4.44
C GLU A 89 8.07 -1.37 -4.55
N HIS A 90 6.90 -1.25 -3.95
CA HIS A 90 5.91 -2.31 -3.90
C HIS A 90 4.61 -1.65 -3.54
N ALA A 91 3.52 -2.39 -3.64
CA ALA A 91 2.22 -1.99 -3.11
C ALA A 91 1.98 -2.85 -1.91
N GLU A 92 1.64 -2.28 -0.78
CA GLU A 92 1.45 -3.00 0.45
C GLU A 92 -0.01 -2.86 0.82
N VAL A 93 -0.59 -3.95 1.25
CA VAL A 93 -1.97 -3.96 1.68
C VAL A 93 -1.98 -4.60 3.08
N VAL A 94 -2.35 -3.82 4.10
CA VAL A 94 -2.27 -4.27 5.49
C VAL A 94 -3.66 -4.24 6.10
N PHE A 95 -4.07 -5.35 6.70
CA PHE A 95 -5.44 -5.50 7.17
C PHE A 95 -5.54 -6.55 8.24
N THR A 96 -6.48 -6.39 9.14
CA THR A 96 -6.87 -7.43 10.07
C THR A 96 -7.78 -8.42 9.36
N ALA A 97 -7.55 -9.70 9.51
CA ALA A 97 -8.34 -10.74 8.89
C ALA A 97 -8.92 -11.68 9.93
N ASN A 98 -10.12 -12.18 9.63
CA ASN A 98 -10.75 -13.30 10.33
C ASN A 98 -11.06 -13.02 11.75
N ASP A 99 -11.23 -11.77 12.13
CA ASP A 99 -11.44 -11.49 13.55
CA ASP A 99 -11.45 -11.39 13.53
C ASP A 99 -12.91 -11.60 13.96
N SER A 100 -13.80 -11.86 13.00
CA SER A 100 -15.21 -12.21 13.29
C SER A 100 -15.49 -13.59 12.73
N GLY A 101 -14.47 -14.42 12.66
CA GLY A 101 -14.56 -15.70 12.06
C GLY A 101 -14.05 -15.71 10.65
N PRO A 102 -13.97 -16.89 10.06
CA PRO A 102 -13.35 -17.00 8.75
C PRO A 102 -14.08 -16.20 7.68
N ARG A 103 -13.31 -15.49 6.87
CA ARG A 103 -13.82 -14.88 5.66
C ARG A 103 -12.92 -15.23 4.50
N ARG A 104 -13.45 -14.98 3.30
CA ARG A 104 -12.65 -15.08 2.10
C ARG A 104 -12.31 -13.69 1.61
N TYR A 105 -11.04 -13.50 1.33
CA TYR A 105 -10.52 -12.21 0.94
C TYR A 105 -9.92 -12.26 -0.44
N THR A 106 -10.35 -11.34 -1.30
CA THR A 106 -9.68 -11.07 -2.56
C THR A 106 -9.08 -9.68 -2.46
N ILE A 107 -7.78 -9.61 -2.65
CA ILE A 107 -7.04 -8.35 -2.69
C ILE A 107 -6.73 -8.09 -4.16
N ALA A 108 -7.26 -6.99 -4.68
CA ALA A 108 -7.05 -6.63 -6.08
C ALA A 108 -6.22 -5.37 -6.17
N ALA A 109 -5.36 -5.30 -7.17
CA ALA A 109 -4.55 -4.11 -7.43
C ALA A 109 -4.52 -3.82 -8.92
N LEU A 110 -4.54 -2.55 -9.25
CA LEU A 110 -4.49 -2.02 -10.62
C LEU A 110 -3.27 -1.12 -10.72
N LEU A 111 -2.31 -1.50 -11.55
CA LEU A 111 -0.97 -0.92 -11.53
C LEU A 111 -0.70 0.02 -12.71
N SER A 112 -0.07 1.15 -12.40
CA SER A 112 0.54 2.03 -13.36
C SER A 112 1.95 2.36 -12.87
N PRO A 113 2.82 2.92 -13.73
CA PRO A 113 4.18 3.14 -13.27
C PRO A 113 4.36 4.07 -12.07
N TYR A 114 3.52 5.09 -11.96
CA TYR A 114 3.59 6.05 -10.86
C TYR A 114 2.36 6.02 -9.95
N SER A 115 1.52 4.99 -10.05
CA SER A 115 0.28 4.95 -9.30
C SER A 115 -0.22 3.55 -9.15
N TYR A 116 -1.02 3.31 -8.14
CA TYR A 116 -1.82 2.09 -8.10
C TYR A 116 -3.09 2.33 -7.31
N SER A 117 -4.06 1.48 -7.58
CA SER A 117 -5.33 1.36 -6.88
CA SER A 117 -5.20 1.38 -6.71
CA SER A 117 -5.28 1.36 -6.80
C SER A 117 -5.38 -0.03 -6.24
N THR A 118 -5.97 -0.17 -5.06
CA THR A 118 -6.18 -1.48 -4.48
C THR A 118 -7.52 -1.50 -3.80
N THR A 119 -8.18 -2.65 -3.84
CA THR A 119 -9.44 -2.85 -3.16
C THR A 119 -9.47 -4.24 -2.58
N ALA A 120 -10.42 -4.46 -1.71
CA ALA A 120 -10.68 -5.77 -1.12
C ALA A 120 -12.12 -6.16 -1.37
N VAL A 121 -12.31 -7.43 -1.63
CA VAL A 121 -13.64 -8.04 -1.66
C VAL A 121 -13.64 -9.11 -0.57
N VAL A 122 -14.49 -8.94 0.41
CA VAL A 122 -14.55 -9.80 1.58
C VAL A 122 -15.90 -10.48 1.58
N THR A 123 -15.90 -11.83 1.62
CA THR A 123 -17.13 -12.57 1.53
CA THR A 123 -17.12 -12.59 1.54
C THR A 123 -17.17 -13.57 2.69
N ASN A 124 -18.36 -13.87 3.15
CA ASN A 124 -18.56 -14.79 4.25
C ASN A 124 -19.08 -16.09 3.68
N PRO A 125 -18.27 -17.15 3.77
CA PRO A 125 -18.65 -18.44 3.19
C PRO A 125 -19.85 -19.12 3.87
N CYS B 10 9.37 21.26 1.85
CA CYS B 10 9.48 21.72 0.43
C CYS B 10 9.54 20.55 -0.57
N PRO B 11 10.48 19.61 -0.38
CA PRO B 11 10.60 18.59 -1.38
C PRO B 11 9.56 17.48 -1.28
N LEU B 12 8.79 17.42 -0.19
CA LEU B 12 7.82 16.32 0.02
C LEU B 12 6.54 16.89 0.58
N MET B 13 5.41 16.61 -0.09
CA MET B 13 4.08 17.00 0.37
C MET B 13 3.18 15.77 0.27
N VAL B 14 2.26 15.64 1.21
CA VAL B 14 1.30 14.56 1.20
C VAL B 14 -0.09 15.17 1.13
N LYS B 15 -0.93 14.66 0.21
CA LYS B 15 -2.28 15.12 0.04
C LYS B 15 -3.23 13.96 0.14
N VAL B 16 -4.29 14.09 0.93
CA VAL B 16 -5.21 12.98 1.20
C VAL B 16 -6.63 13.46 0.97
N LEU B 17 -7.38 12.67 0.19
CA LEU B 17 -8.74 12.96 -0.17
C LEU B 17 -9.67 11.82 0.28
N ASP B 18 -10.93 12.16 0.51
CA ASP B 18 -11.98 11.25 0.97
C ASP B 18 -13.00 11.05 -0.15
N ALA B 19 -13.07 9.81 -0.65
CA ALA B 19 -13.96 9.44 -1.77
C ALA B 19 -15.39 9.19 -1.35
N VAL B 20 -15.67 9.12 -0.05
CA VAL B 20 -17.04 8.91 0.47
C VAL B 20 -17.75 10.22 0.63
N ARG B 21 -17.07 11.23 1.13
CA ARG B 21 -17.63 12.54 1.37
C ARG B 21 -17.31 13.56 0.32
N GLY B 22 -16.34 13.27 -0.54
CA GLY B 22 -15.98 14.21 -1.58
C GLY B 22 -15.29 15.42 -0.99
N SER B 23 -14.26 15.20 -0.19
CA SER B 23 -13.67 16.26 0.59
C SER B 23 -12.22 15.95 0.79
N PRO B 24 -11.43 16.95 1.21
CA PRO B 24 -10.15 16.61 1.79
C PRO B 24 -10.33 15.70 3.00
N ALA B 25 -9.31 14.89 3.27
CA ALA B 25 -9.30 14.06 4.48
C ALA B 25 -8.50 14.83 5.51
N ILE B 26 -9.20 15.40 6.47
CA ILE B 26 -8.65 16.35 7.45
C ILE B 26 -8.24 15.62 8.73
N ASN B 27 -7.13 16.07 9.32
CA ASN B 27 -6.64 15.55 10.59
CA ASN B 27 -6.63 15.56 10.58
CA ASN B 27 -6.65 15.52 10.59
C ASN B 27 -6.27 14.07 10.53
N VAL B 28 -5.73 13.65 9.40
CA VAL B 28 -5.23 12.30 9.24
C VAL B 28 -3.75 12.28 9.65
N ALA B 29 -3.38 11.36 10.52
CA ALA B 29 -1.97 11.23 10.91
C ALA B 29 -1.19 10.57 9.79
N VAL B 30 -0.02 11.12 9.52
CA VAL B 30 0.89 10.67 8.49
C VAL B 30 2.27 10.53 9.12
N HIS B 31 2.90 9.37 8.93
CA HIS B 31 4.24 9.14 9.38
C HIS B 31 5.13 8.77 8.24
N VAL B 32 6.30 9.41 8.15
CA VAL B 32 7.29 9.14 7.14
C VAL B 32 8.48 8.45 7.81
N PHE B 33 8.99 7.42 7.18
CA PHE B 33 10.14 6.67 7.65
C PHE B 33 11.17 6.61 6.52
N ARG B 34 12.43 6.48 6.91
CA ARG B 34 13.53 6.27 6.01
CA ARG B 34 13.48 6.22 5.95
C ARG B 34 14.14 4.91 6.26
N LYS B 35 14.42 4.15 5.21
CA LYS B 35 15.00 2.83 5.40
C LYS B 35 16.47 2.96 5.77
N ALA B 36 16.83 2.36 6.89
CA ALA B 36 18.18 2.35 7.38
C ALA B 36 19.00 1.25 6.73
N ALA B 37 20.31 1.32 6.99
CA ALA B 37 21.25 0.37 6.39
C ALA B 37 20.97 -1.07 6.78
N ASP B 38 20.40 -1.28 7.96
CA ASP B 38 20.01 -2.63 8.43
C ASP B 38 18.59 -3.06 8.01
N ASP B 39 17.99 -2.31 7.10
CA ASP B 39 16.65 -2.59 6.56
C ASP B 39 15.50 -2.30 7.52
N THR B 40 15.76 -1.66 8.65
CA THR B 40 14.69 -1.21 9.52
C THR B 40 14.19 0.16 9.03
N TRP B 41 13.01 0.53 9.49
CA TRP B 41 12.38 1.79 9.14
C TRP B 41 12.58 2.81 10.26
N GLU B 42 13.36 3.83 10.00
CA GLU B 42 13.62 4.84 11.01
C GLU B 42 12.66 6.03 10.87
N PRO B 43 12.05 6.47 11.97
CA PRO B 43 11.19 7.66 11.89
C PRO B 43 11.96 8.80 11.25
N PHE B 44 11.29 9.52 10.38
CA PHE B 44 11.84 10.60 9.61
C PHE B 44 11.09 11.90 9.79
N ALA B 45 9.76 11.88 9.70
CA ALA B 45 8.95 13.09 9.84
C ALA B 45 7.50 12.65 10.04
N SER B 46 6.64 13.50 10.58
CA SER B 46 5.25 13.15 10.73
C SER B 46 4.42 14.40 10.94
N GLY B 47 3.11 14.26 10.84
CA GLY B 47 2.20 15.34 11.08
C GLY B 47 0.77 14.91 10.86
N LYS B 48 -0.13 15.87 10.87
CA LYS B 48 -1.53 15.59 10.59
CA LYS B 48 -1.56 15.65 10.63
C LYS B 48 -1.96 16.47 9.43
N THR B 49 -2.79 15.94 8.54
CA THR B 49 -3.25 16.74 7.41
C THR B 49 -4.09 17.92 7.89
N SER B 50 -3.97 18.99 7.13
CA SER B 50 -4.67 20.24 7.37
C SER B 50 -6.12 20.17 6.92
N GLU B 51 -6.81 21.31 7.05
CA GLU B 51 -8.18 21.44 6.56
C GLU B 51 -8.28 21.24 5.04
N SER B 52 -7.18 21.38 4.32
CA SER B 52 -7.19 21.08 2.88
C SER B 52 -6.69 19.69 2.55
N GLY B 53 -6.50 18.86 3.57
CA GLY B 53 -6.03 17.50 3.36
C GLY B 53 -4.55 17.40 3.05
N GLU B 54 -3.79 18.45 3.35
CA GLU B 54 -2.39 18.50 2.96
C GLU B 54 -1.51 18.53 4.17
N LEU B 55 -0.33 18.01 3.98
CA LEU B 55 0.69 18.06 5.00
C LEU B 55 1.95 18.52 4.33
N HIS B 56 2.33 19.74 4.68
CA HIS B 56 3.49 20.47 4.22
C HIS B 56 4.54 20.50 5.33
N GLY B 57 5.75 20.84 4.97
CA GLY B 57 6.80 21.12 5.93
C GLY B 57 7.39 19.89 6.58
N LEU B 58 7.24 18.72 5.97
CA LEU B 58 7.77 17.50 6.53
C LEU B 58 9.29 17.49 6.59
N THR B 59 9.95 18.01 5.57
CA THR B 59 11.37 17.92 5.48
C THR B 59 11.94 19.09 4.69
N THR B 60 13.23 19.07 4.52
CA THR B 60 13.92 20.11 3.78
C THR B 60 14.75 19.44 2.74
N GLU B 61 15.19 20.22 1.77
CA GLU B 61 16.06 19.68 0.73
C GLU B 61 17.34 19.05 1.31
N GLU B 62 17.91 19.70 2.31
CA GLU B 62 19.14 19.18 2.92
C GLU B 62 18.95 17.80 3.54
N GLU B 63 17.82 17.59 4.19
CA GLU B 63 17.58 16.33 4.87
C GLU B 63 17.08 15.20 3.97
N PHE B 64 16.39 15.53 2.89
CA PHE B 64 15.69 14.55 2.08
C PHE B 64 16.63 13.97 1.01
N VAL B 65 17.61 13.20 1.47
CA VAL B 65 18.59 12.59 0.61
C VAL B 65 18.01 11.37 -0.10
N GLU B 66 18.71 10.90 -1.12
CA GLU B 66 18.30 9.71 -1.83
C GLU B 66 18.19 8.56 -0.85
N GLY B 67 17.24 7.68 -1.14
CA GLY B 67 17.01 6.51 -0.30
C GLY B 67 15.58 6.05 -0.44
N ILE B 68 15.25 5.01 0.27
CA ILE B 68 13.89 4.49 0.29
C ILE B 68 13.13 5.06 1.47
N TYR B 69 11.94 5.56 1.19
CA TYR B 69 11.07 6.16 2.19
C TYR B 69 9.73 5.44 2.18
N LYS B 70 9.08 5.45 3.33
CA LYS B 70 7.74 4.93 3.50
CA LYS B 70 7.74 4.93 3.51
C LYS B 70 6.87 6.02 4.12
N VAL B 71 5.74 6.28 3.48
CA VAL B 71 4.73 7.17 4.00
C VAL B 71 3.58 6.31 4.47
N GLU B 72 3.29 6.35 5.75
CA GLU B 72 2.20 5.62 6.37
CA GLU B 72 2.19 5.60 6.37
CA GLU B 72 2.18 5.59 6.31
C GLU B 72 1.08 6.58 6.69
N ILE B 73 -0.12 6.34 6.15
CA ILE B 73 -1.27 7.21 6.34
C ILE B 73 -2.22 6.43 7.24
N ASP B 74 -2.60 7.01 8.38
CA ASP B 74 -3.42 6.28 9.38
CA ASP B 74 -3.36 6.30 9.37
C ASP B 74 -4.88 6.35 9.03
N THR B 75 -5.23 5.60 8.02
CA THR B 75 -6.57 5.58 7.52
C THR B 75 -7.58 4.96 8.47
N LYS B 76 -7.19 3.96 9.23
CA LYS B 76 -8.13 3.29 10.10
C LYS B 76 -8.71 4.28 11.12
N SER B 77 -7.84 5.07 11.75
CA SER B 77 -8.31 6.03 12.72
C SER B 77 -9.19 7.09 12.09
N TYR B 78 -8.87 7.48 10.86
CA TYR B 78 -9.66 8.46 10.13
C TYR B 78 -11.10 7.97 9.97
N TRP B 79 -11.25 6.76 9.46
CA TRP B 79 -12.58 6.23 9.21
C TRP B 79 -13.34 6.03 10.53
N LYS B 80 -12.68 5.48 11.52
CA LYS B 80 -13.34 5.24 12.80
C LYS B 80 -13.83 6.57 13.43
N ALA B 81 -13.09 7.67 13.26
CA ALA B 81 -13.48 8.97 13.83
C ALA B 81 -14.73 9.55 13.15
N LEU B 82 -15.02 9.05 11.95
CA LEU B 82 -16.20 9.39 11.18
C LEU B 82 -17.31 8.35 11.37
N GLY B 83 -17.07 7.41 12.26
CA GLY B 83 -18.07 6.40 12.55
C GLY B 83 -18.17 5.27 11.55
N ILE B 84 -17.13 5.04 10.74
CA ILE B 84 -17.18 4.08 9.66
C ILE B 84 -16.15 2.98 9.96
N SER B 85 -16.49 1.72 9.65
CA SER B 85 -15.59 0.59 9.82
C SER B 85 -14.80 0.35 8.51
N PRO B 86 -13.48 0.42 8.57
CA PRO B 86 -12.68 0.23 7.36
C PRO B 86 -11.93 -1.04 7.29
N PHE B 87 -11.40 -1.34 6.12
CA PHE B 87 -10.69 -2.55 5.89
C PHE B 87 -9.21 -2.50 6.33
N HIS B 88 -8.50 -1.49 5.90
CA HIS B 88 -7.05 -1.47 6.06
C HIS B 88 -6.65 -0.94 7.43
N GLU B 89 -5.47 -1.40 7.89
CA GLU B 89 -4.86 -0.79 9.07
C GLU B 89 -4.34 0.61 8.78
N HIS B 90 -3.75 0.78 7.63
CA HIS B 90 -3.18 2.03 7.18
C HIS B 90 -2.97 1.90 5.69
N ALA B 91 -2.65 3.01 5.03
CA ALA B 91 -2.20 2.98 3.66
C ALA B 91 -0.72 3.27 3.71
N GLU B 92 0.05 2.55 2.95
CA GLU B 92 1.49 2.58 2.91
CA GLU B 92 1.51 2.75 2.93
C GLU B 92 1.93 3.01 1.52
N VAL B 93 2.86 3.95 1.39
CA VAL B 93 3.43 4.27 0.11
C VAL B 93 4.93 4.20 0.25
N VAL B 94 5.58 3.33 -0.48
CA VAL B 94 7.03 3.05 -0.35
C VAL B 94 7.68 3.34 -1.68
N PHE B 95 8.71 4.18 -1.68
CA PHE B 95 9.33 4.66 -2.91
C PHE B 95 10.77 5.03 -2.67
N THR B 96 11.53 5.13 -3.74
CA THR B 96 12.91 5.66 -3.72
C THR B 96 12.93 7.12 -4.16
N ALA B 97 13.55 7.96 -3.36
CA ALA B 97 13.87 9.32 -3.75
C ALA B 97 15.12 9.25 -4.64
N ASN B 98 15.08 9.87 -5.80
CA ASN B 98 16.11 9.80 -6.81
CA ASN B 98 16.16 9.82 -6.81
C ASN B 98 16.52 11.22 -7.25
N ASP B 99 17.76 11.63 -7.06
CA ASP B 99 18.20 12.99 -7.43
C ASP B 99 18.15 13.33 -8.92
N SER B 100 18.20 12.32 -9.74
CA SER B 100 18.19 12.50 -11.20
C SER B 100 16.83 12.93 -11.73
N GLY B 101 15.78 12.60 -10.97
CA GLY B 101 14.43 12.96 -11.38
C GLY B 101 14.07 14.34 -10.84
N PRO B 102 12.82 14.75 -11.05
CA PRO B 102 12.36 16.06 -10.58
C PRO B 102 12.45 16.17 -9.05
N ARG B 103 12.46 17.40 -8.57
CA ARG B 103 12.87 17.74 -7.22
CA ARG B 103 12.88 17.62 -7.20
C ARG B 103 11.75 17.76 -6.21
N ARG B 104 10.48 17.90 -6.66
CA ARG B 104 9.43 18.00 -5.68
CA ARG B 104 9.38 18.06 -5.70
C ARG B 104 8.50 16.82 -5.81
N TYR B 105 8.23 16.15 -4.69
CA TYR B 105 7.38 14.97 -4.66
C TYR B 105 6.10 15.25 -3.93
N THR B 106 4.98 15.03 -4.60
CA THR B 106 3.70 15.01 -3.94
C THR B 106 3.22 13.57 -3.96
N ILE B 107 2.92 13.06 -2.79
CA ILE B 107 2.31 11.75 -2.62
C ILE B 107 0.83 12.00 -2.31
N ALA B 108 -0.05 11.56 -3.22
CA ALA B 108 -1.48 11.77 -3.07
C ALA B 108 -2.17 10.44 -2.83
N ALA B 109 -3.18 10.45 -1.98
CA ALA B 109 -3.98 9.25 -1.70
C ALA B 109 -5.45 9.62 -1.68
N LEU B 110 -6.27 8.77 -2.27
CA LEU B 110 -7.73 8.91 -2.35
C LEU B 110 -8.33 7.72 -1.63
N LEU B 111 -9.03 7.97 -0.52
CA LEU B 111 -9.44 6.95 0.42
C LEU B 111 -10.90 6.57 0.33
N SER B 112 -11.16 5.26 0.37
CA SER B 112 -12.49 4.69 0.60
C SER B 112 -12.36 3.65 1.72
N PRO B 113 -13.49 3.18 2.28
CA PRO B 113 -13.36 2.26 3.41
C PRO B 113 -12.65 0.97 3.07
N TYR B 114 -12.86 0.40 1.90
CA TYR B 114 -12.28 -0.86 1.49
C TYR B 114 -11.29 -0.72 0.34
N SER B 115 -10.86 0.50 0.03
CA SER B 115 -10.01 0.71 -1.12
CA SER B 115 -9.98 0.70 -1.12
CA SER B 115 -9.99 0.71 -1.12
C SER B 115 -9.21 2.00 -0.97
N TYR B 116 -8.08 2.09 -1.64
CA TYR B 116 -7.45 3.39 -1.84
C TYR B 116 -6.69 3.38 -3.16
N SER B 117 -6.54 4.60 -3.67
CA SER B 117 -5.72 4.92 -4.84
CA SER B 117 -5.62 4.82 -4.78
CA SER B 117 -5.68 4.89 -4.81
C SER B 117 -4.57 5.82 -4.36
N THR B 118 -3.38 5.67 -4.92
CA THR B 118 -2.28 6.57 -4.65
C THR B 118 -1.52 6.87 -5.90
N THR B 119 -1.00 8.08 -6.00
CA THR B 119 -0.17 8.49 -7.11
C THR B 119 0.93 9.37 -6.60
N ALA B 120 1.92 9.53 -7.43
CA ALA B 120 3.04 10.45 -7.21
C ALA B 120 3.05 11.48 -8.30
N VAL B 121 3.22 12.72 -7.90
CA VAL B 121 3.39 13.82 -8.83
C VAL B 121 4.76 14.39 -8.53
N VAL B 122 5.67 14.19 -9.46
CA VAL B 122 7.07 14.55 -9.26
C VAL B 122 7.42 15.59 -10.29
N THR B 123 7.74 16.79 -9.82
CA THR B 123 7.95 17.91 -10.70
C THR B 123 9.17 18.72 -10.31
N ASN B 124 9.57 19.62 -11.21
CA ASN B 124 10.54 20.70 -10.95
C ASN B 124 9.88 22.07 -10.88
CAC 1W3 C . -10.95 -6.90 -12.35
CAR 1W3 C . -11.25 -7.78 -11.32
CAX 1W3 C . -11.50 -9.09 -11.61
CAJ 1W3 C . -11.51 -9.49 -12.94
CAI 1W3 C . -11.76 -10.81 -13.27
CAQ 1W3 C . -12.01 -11.73 -12.25
OAE 1W3 C . -12.26 -13.04 -12.56
CAM 1W3 C . -12.01 -11.33 -10.93
CAW 1W3 C . -11.76 -9.99 -10.61
OAN 1W3 C . -11.75 -9.58 -9.31
CAV 1W3 C . -11.51 -8.28 -8.96
OAD 1W3 C . -11.49 -7.92 -7.78
CAU 1W3 C . -11.21 -7.41 -9.99
CAH 1W3 C . -10.92 -6.10 -9.64
CAG 1W3 C . -10.62 -5.02 -10.71
CAS 1W3 C . -10.34 -3.69 -10.37
CAK 1W3 C . -10.83 -2.63 -11.15
CAO 1W3 C . -10.59 -1.28 -10.83
CAA 1W3 C . -11.14 -0.21 -11.64
CAT 1W3 C . -9.80 -1.04 -9.68
OAF 1W3 C . -9.55 0.22 -9.35
CAP 1W3 C . -9.27 -2.08 -8.90
CAB 1W3 C . -8.47 -1.81 -7.77
CAL 1W3 C . -9.55 -3.39 -9.27
CAC 1W3 D . -6.82 16.36 -6.28
CAR 1W3 D . -5.49 16.74 -6.16
CAX 1W3 D . -5.21 18.05 -5.89
CAJ 1W3 D . -6.27 18.95 -5.77
CAI 1W3 D . -6.00 20.28 -5.50
CAQ 1W3 D . -4.68 20.72 -5.36
OAE 1W3 D . -4.43 22.03 -5.10
CAM 1W3 D . -3.63 19.81 -5.49
CAW 1W3 D . -3.90 18.47 -5.76
OAN 1W3 D . -2.90 17.56 -5.89
CAV 1W3 D . -3.12 16.25 -6.16
OAD 1W3 D . -2.18 15.47 -6.28
CAU 1W3 D . -4.42 15.86 -6.29
CAH 1W3 D . -4.61 14.51 -6.51
CAG 1W3 D . -6.04 13.97 -6.73
CAS 1W3 D . -6.29 12.61 -6.97
CAK 1W3 D . -7.37 12.23 -7.80
CAO 1W3 D . -7.67 10.87 -8.09
CAA 1W3 D . -8.79 10.51 -8.98
CAT 1W3 D . -6.81 9.91 -7.52
OAF 1W3 D . -7.02 8.61 -7.78
CAP 1W3 D . -5.73 10.30 -6.68
CAB 1W3 D . -4.86 9.35 -6.09
CAL 1W3 D . -5.50 11.64 -6.43
#